data_1MJ7
#
_entry.id   1MJ7
#
_cell.length_a   128.237
_cell.length_b   40.531
_cell.length_c   85.903
_cell.angle_alpha   90.00
_cell.angle_beta   109.72
_cell.angle_gamma   90.00
#
_symmetry.space_group_name_H-M   'C 1 2 1'
#
loop_
_entity.id
_entity.type
_entity.pdbx_description
1 polymer 'IMMUNOGLOBULIN MS5-393'
2 polymer 'IMMUNOGLOBULIN MS5-393'
3 non-polymer N-{[2-({[1-(4-CARBOXYBUTANOYL)AMINO]-2-PHENYLETHYL}-HYDROXYPHOSPHINYL)OXY]ACETYL}-2-PHENYLETHYLAMINE
4 water water
#
loop_
_entity_poly.entity_id
_entity_poly.type
_entity_poly.pdbx_seq_one_letter_code
_entity_poly.pdbx_strand_id
1 'polypeptide(L)'
;EIVMTQAAPSVPVTPGESVSISCRSSKSLLHSNGNTYLNWFLQRPGQSPQLLIYRMSNLASGVPDRFSGSGSETAFTLRT
SRVEAEDVGVYYCMQHLEYPFTFGSGTKLELKRADAAPTVSIFPPSSEQLTSGGASVVCFLNNFYPKDINVKWKIDGSER
QNGVLNSWTDQDSKDSTYSMSSTLTLTKDEYERHNSYTCEATHKTSTSPIVKSFNRNEC
;
L
2 'polypeptide(L)'
;QVQLQQPGAELVKPGASVKLSCKASGYTFTSSWINWVKQRPGQGLEWIGNVYPGSSSTNYNEKFKNKATLTVDTSSSTAY
MQLSSLTSDDSAFYYCVRKDYSWFPYWGQGTLVTVSAAKTTAPSVYPLAPVCGDTSGSSVTLGCLVKGYFPEPVTLTWNS
GSLSSGVHTFPAVLQSDLYTLSSSVTVTSSTWPSQSITCNVAHPASSTKVDKKIEPRGPTIKPCPPCK
;
H
#
# COMPACT_ATOMS: atom_id res chain seq x y z
N GLU A 1 -29.21 -0.16 -10.67
CA GLU A 1 -28.08 -1.10 -10.90
C GLU A 1 -27.99 -2.09 -9.74
N ILE A 2 -27.16 -3.10 -9.88
CA ILE A 2 -27.02 -4.13 -8.86
C ILE A 2 -26.10 -3.73 -7.70
N VAL A 3 -26.62 -3.82 -6.48
CA VAL A 3 -25.85 -3.46 -5.31
C VAL A 3 -25.20 -4.65 -4.64
N MET A 4 -23.90 -4.57 -4.45
CA MET A 4 -23.18 -5.64 -3.80
C MET A 4 -22.89 -5.15 -2.40
N THR A 5 -23.25 -5.99 -1.43
CA THR A 5 -23.04 -5.64 -0.04
C THR A 5 -22.21 -6.67 0.71
N GLN A 6 -21.34 -6.14 1.55
CA GLN A 6 -20.47 -6.96 2.40
C GLN A 6 -20.69 -6.42 3.80
N ALA A 7 -21.52 -7.12 4.58
CA ALA A 7 -21.84 -6.69 5.94
C ALA A 7 -20.76 -7.00 6.97
N ALA A 8 -19.55 -6.52 6.72
CA ALA A 8 -18.41 -6.70 7.62
C ALA A 8 -17.17 -6.08 6.99
N PRO A 9 -16.63 -5.00 7.63
CA PRO A 9 -15.44 -4.26 7.20
C PRO A 9 -14.19 -5.13 7.31
N SER A 10 -14.18 -5.95 8.37
CA SER A 10 -13.07 -6.85 8.67
C SER A 10 -13.56 -8.07 9.47
N VAL A 11 -12.73 -9.11 9.53
CA VAL A 11 -13.08 -10.31 10.30
C VAL A 11 -11.83 -10.77 11.04
N PRO A 12 -12.02 -11.25 12.28
CA PRO A 12 -10.88 -11.71 13.07
C PRO A 12 -10.67 -13.21 12.99
N VAL A 13 -9.41 -13.64 12.92
CA VAL A 13 -9.14 -15.07 12.87
C VAL A 13 -7.78 -15.48 13.47
N THR A 14 -7.79 -16.58 14.20
CA THR A 14 -6.59 -17.14 14.80
C THR A 14 -5.93 -17.97 13.72
N PRO A 15 -4.61 -17.83 13.54
CA PRO A 15 -3.91 -18.59 12.50
C PRO A 15 -4.12 -20.08 12.67
N GLY A 16 -4.46 -20.74 11.57
CA GLY A 16 -4.72 -22.16 11.62
C GLY A 16 -6.23 -22.40 11.57
N GLU A 17 -7.01 -21.45 12.08
CA GLU A 17 -8.46 -21.60 12.05
C GLU A 17 -9.07 -21.23 10.69
N SER A 18 -10.34 -21.56 10.55
CA SER A 18 -11.06 -21.27 9.32
C SER A 18 -11.87 -19.99 9.52
N VAL A 19 -12.37 -19.41 8.43
CA VAL A 19 -13.16 -18.19 8.55
C VAL A 19 -13.96 -17.93 7.28
N SER A 20 -15.04 -17.18 7.41
CA SER A 20 -15.90 -16.87 6.28
C SER A 20 -16.12 -15.41 6.03
N ILE A 21 -16.11 -15.07 4.76
CA ILE A 21 -16.36 -13.70 4.33
C ILE A 21 -17.66 -13.79 3.57
N SER A 22 -18.54 -12.82 3.80
CA SER A 22 -19.84 -12.86 3.19
C SER A 22 -20.07 -11.73 2.20
N CYS A 23 -21.04 -11.92 1.32
CA CYS A 23 -21.38 -10.93 0.32
C CYS A 23 -22.80 -11.21 -0.13
N ARG A 24 -23.51 -10.16 -0.54
CA ARG A 24 -24.88 -10.28 -1.00
C ARG A 24 -25.16 -9.32 -2.15
N SER A 25 -26.02 -9.73 -3.08
CA SER A 25 -26.37 -8.85 -4.19
C SER A 25 -27.85 -8.48 -4.09
N SER A 26 -28.23 -7.36 -4.70
CA SER A 26 -29.60 -6.88 -4.66
C SER A 26 -30.50 -7.63 -5.65
N LYS A 27 -29.89 -8.48 -6.47
CA LYS A 27 -30.64 -9.26 -7.44
C LYS A 27 -29.92 -10.59 -7.62
N SER A 28 -30.60 -11.58 -8.16
CA SER A 28 -29.97 -12.88 -8.37
C SER A 28 -28.85 -12.79 -9.40
N LEU A 29 -27.69 -13.30 -9.03
CA LEU A 29 -26.57 -13.29 -9.95
C LEU A 29 -26.55 -14.54 -10.81
N LEU A 30 -27.57 -15.39 -10.66
CA LEU A 30 -27.66 -16.61 -11.46
C LEU A 30 -28.24 -16.31 -12.85
N HIS A 31 -27.45 -16.51 -13.89
CA HIS A 31 -27.89 -16.28 -15.25
C HIS A 31 -28.68 -17.49 -15.76
N SER A 32 -29.53 -17.27 -16.76
CA SER A 32 -30.32 -18.35 -17.30
C SER A 32 -29.44 -19.48 -17.81
N ASN A 33 -28.20 -19.17 -18.20
CA ASN A 33 -27.29 -20.20 -18.70
C ASN A 33 -26.73 -21.12 -17.63
N GLY A 34 -27.26 -21.04 -16.41
CA GLY A 34 -26.79 -21.90 -15.34
C GLY A 34 -25.58 -21.40 -14.55
N ASN A 35 -24.82 -20.46 -15.11
CA ASN A 35 -23.64 -19.91 -14.45
C ASN A 35 -24.03 -18.79 -13.46
N THR A 36 -23.18 -18.52 -12.48
CA THR A 36 -23.42 -17.44 -11.54
C THR A 36 -22.23 -16.47 -11.54
N TYR A 37 -22.42 -15.29 -12.15
CA TYR A 37 -21.34 -14.31 -12.28
C TYR A 37 -20.91 -13.53 -11.03
N LEU A 38 -20.11 -14.19 -10.21
CA LEU A 38 -19.61 -13.62 -8.96
C LEU A 38 -18.13 -13.92 -8.78
N ASN A 39 -17.33 -12.87 -8.65
CA ASN A 39 -15.88 -13.00 -8.45
C ASN A 39 -15.49 -12.67 -7.01
N TRP A 40 -14.41 -13.30 -6.55
CA TRP A 40 -13.87 -12.97 -5.25
C TRP A 40 -12.43 -12.58 -5.52
N PHE A 41 -12.02 -11.41 -5.07
CA PHE A 41 -10.65 -10.97 -5.27
C PHE A 41 -10.03 -10.68 -3.93
N LEU A 42 -8.70 -10.72 -3.90
CA LEU A 42 -7.95 -10.40 -2.69
C LEU A 42 -7.01 -9.27 -3.11
N GLN A 43 -6.87 -8.26 -2.25
CA GLN A 43 -5.98 -7.17 -2.54
C GLN A 43 -5.09 -6.91 -1.33
N ARG A 44 -3.78 -6.89 -1.56
CA ARG A 44 -2.78 -6.61 -0.53
C ARG A 44 -2.31 -5.20 -0.83
N PRO A 45 -1.89 -4.47 0.20
CA PRO A 45 -1.43 -3.09 -0.01
C PRO A 45 -0.47 -2.89 -1.18
N GLY A 46 -0.74 -1.85 -1.96
CA GLY A 46 0.10 -1.52 -3.10
C GLY A 46 0.10 -2.49 -4.26
N GLN A 47 -0.89 -3.38 -4.28
CA GLN A 47 -1.00 -4.36 -5.34
C GLN A 47 -2.41 -4.36 -5.90
N SER A 48 -2.53 -4.78 -7.15
CA SER A 48 -3.82 -4.87 -7.80
C SER A 48 -4.55 -6.10 -7.24
N PRO A 49 -5.89 -6.08 -7.24
CA PRO A 49 -6.64 -7.24 -6.71
C PRO A 49 -6.27 -8.52 -7.43
N GLN A 50 -6.13 -9.62 -6.70
CA GLN A 50 -5.82 -10.92 -7.30
C GLN A 50 -7.03 -11.86 -7.25
N LEU A 51 -7.32 -12.48 -8.38
CA LEU A 51 -8.45 -13.38 -8.52
C LEU A 51 -8.34 -14.63 -7.66
N LEU A 52 -9.40 -14.93 -6.93
CA LEU A 52 -9.44 -16.11 -6.06
C LEU A 52 -10.52 -17.08 -6.48
N ILE A 53 -11.69 -16.55 -6.83
CA ILE A 53 -12.83 -17.38 -7.23
C ILE A 53 -13.57 -16.76 -8.40
N TYR A 54 -13.96 -17.59 -9.36
CA TYR A 54 -14.74 -17.08 -10.49
C TYR A 54 -16.02 -17.92 -10.56
N ARG A 55 -17.06 -17.36 -11.18
CA ARG A 55 -18.34 -18.05 -11.29
C ARG A 55 -18.82 -18.66 -9.96
N MET A 56 -18.71 -17.85 -8.91
CA MET A 56 -19.11 -18.14 -7.53
C MET A 56 -18.35 -19.22 -6.73
N SER A 57 -18.16 -20.39 -7.31
CA SER A 57 -17.46 -21.43 -6.57
C SER A 57 -16.25 -22.08 -7.24
N ASN A 58 -15.66 -21.43 -8.24
CA ASN A 58 -14.53 -22.02 -8.93
C ASN A 58 -13.19 -21.47 -8.46
N LEU A 59 -12.38 -22.35 -7.88
CA LEU A 59 -11.04 -21.94 -7.41
C LEU A 59 -10.23 -21.55 -8.63
N ALA A 60 -9.70 -20.33 -8.63
CA ALA A 60 -8.88 -19.86 -9.74
C ALA A 60 -7.55 -20.60 -9.65
N SER A 61 -6.84 -20.71 -10.78
CA SER A 61 -5.55 -21.39 -10.79
C SER A 61 -4.50 -20.60 -10.03
N GLY A 62 -3.60 -21.29 -9.35
CA GLY A 62 -2.56 -20.61 -8.60
C GLY A 62 -2.94 -20.29 -7.16
N VAL A 63 -4.24 -20.34 -6.86
CA VAL A 63 -4.74 -20.06 -5.53
C VAL A 63 -4.79 -21.36 -4.72
N PRO A 64 -4.23 -21.34 -3.50
CA PRO A 64 -4.24 -22.54 -2.65
C PRO A 64 -5.61 -23.16 -2.45
N ASP A 65 -5.62 -24.46 -2.24
CA ASP A 65 -6.85 -25.20 -2.06
C ASP A 65 -7.63 -24.76 -0.84
N ARG A 66 -6.97 -24.01 0.05
CA ARG A 66 -7.60 -23.50 1.27
C ARG A 66 -8.74 -22.51 1.02
N PHE A 67 -8.81 -21.96 -0.18
CA PHE A 67 -9.88 -21.03 -0.47
C PHE A 67 -11.00 -21.77 -1.20
N SER A 68 -12.24 -21.39 -0.91
CA SER A 68 -13.39 -21.98 -1.57
C SER A 68 -14.54 -20.99 -1.57
N GLY A 69 -15.39 -21.09 -2.58
CA GLY A 69 -16.53 -20.19 -2.66
C GLY A 69 -17.83 -20.94 -2.84
N SER A 70 -18.91 -20.38 -2.29
CA SER A 70 -20.23 -20.99 -2.40
C SER A 70 -21.31 -19.94 -2.24
N GLY A 71 -22.55 -20.31 -2.50
CA GLY A 71 -23.60 -19.36 -2.36
C GLY A 71 -24.93 -19.76 -2.95
N SER A 72 -25.92 -18.89 -2.74
CA SER A 72 -27.25 -19.09 -3.26
C SER A 72 -27.30 -18.20 -4.51
N GLU A 73 -28.44 -17.57 -4.79
CA GLU A 73 -28.50 -16.70 -5.96
C GLU A 73 -28.15 -15.27 -5.55
N THR A 74 -28.25 -14.98 -4.26
CA THR A 74 -27.98 -13.64 -3.78
C THR A 74 -27.04 -13.57 -2.59
N ALA A 75 -26.69 -14.72 -2.02
CA ALA A 75 -25.79 -14.75 -0.87
C ALA A 75 -24.55 -15.57 -1.23
N PHE A 76 -23.37 -14.99 -0.99
CA PHE A 76 -22.12 -15.65 -1.34
C PHE A 76 -21.16 -15.69 -0.20
N THR A 77 -20.43 -16.79 -0.11
CA THR A 77 -19.46 -16.97 0.97
C THR A 77 -18.13 -17.49 0.45
N LEU A 78 -17.06 -16.87 0.96
CA LEU A 78 -15.71 -17.25 0.62
C LEU A 78 -15.10 -17.82 1.90
N ARG A 79 -14.79 -19.11 1.89
CA ARG A 79 -14.20 -19.77 3.05
C ARG A 79 -12.70 -19.87 2.88
N THR A 80 -11.99 -19.38 3.90
CA THR A 80 -10.53 -19.48 3.92
C THR A 80 -10.29 -20.52 5.01
N SER A 81 -9.78 -21.68 4.64
CA SER A 81 -9.53 -22.73 5.61
C SER A 81 -8.05 -22.75 6.02
N ARG A 82 -7.78 -23.20 7.24
CA ARG A 82 -6.42 -23.30 7.76
C ARG A 82 -5.56 -22.04 7.52
N VAL A 83 -6.21 -20.89 7.70
CA VAL A 83 -5.63 -19.57 7.52
C VAL A 83 -4.16 -19.41 7.91
N GLU A 84 -3.44 -18.65 7.10
CA GLU A 84 -2.03 -18.39 7.31
C GLU A 84 -1.78 -16.89 7.29
N ALA A 85 -0.59 -16.50 7.75
CA ALA A 85 -0.20 -15.10 7.81
C ALA A 85 -0.30 -14.38 6.47
N GLU A 86 0.17 -15.04 5.42
CA GLU A 86 0.14 -14.44 4.10
C GLU A 86 -1.27 -14.13 3.62
N ASP A 87 -2.28 -14.69 4.30
CA ASP A 87 -3.68 -14.45 3.92
C ASP A 87 -4.22 -13.05 4.32
N VAL A 88 -3.48 -12.28 5.11
CA VAL A 88 -3.96 -10.94 5.48
C VAL A 88 -4.20 -10.09 4.22
N GLY A 89 -5.25 -9.28 4.27
CA GLY A 89 -5.57 -8.44 3.14
C GLY A 89 -7.05 -8.14 3.12
N VAL A 90 -7.51 -7.51 2.05
CA VAL A 90 -8.91 -7.21 1.94
C VAL A 90 -9.52 -8.06 0.84
N TYR A 91 -10.65 -8.67 1.14
CA TYR A 91 -11.29 -9.49 0.14
C TYR A 91 -12.52 -8.77 -0.37
N TYR A 92 -12.69 -8.79 -1.70
CA TYR A 92 -13.82 -8.15 -2.37
C TYR A 92 -14.57 -9.16 -3.23
N CYS A 93 -15.90 -9.02 -3.29
CA CYS A 93 -16.72 -9.85 -4.15
C CYS A 93 -17.10 -8.87 -5.26
N MET A 94 -17.37 -9.37 -6.46
CA MET A 94 -17.75 -8.47 -7.55
C MET A 94 -18.73 -9.19 -8.46
N GLN A 95 -19.77 -8.48 -8.90
CA GLN A 95 -20.71 -9.11 -9.83
C GLN A 95 -20.42 -8.62 -11.22
N HIS A 96 -20.44 -9.53 -12.19
CA HIS A 96 -20.25 -9.14 -13.57
C HIS A 96 -21.34 -9.74 -14.44
N LEU A 97 -22.53 -9.84 -13.84
CA LEU A 97 -23.72 -10.34 -14.51
C LEU A 97 -24.28 -9.23 -15.41
N GLU A 98 -24.33 -8.02 -14.86
CA GLU A 98 -24.86 -6.89 -15.61
C GLU A 98 -24.02 -5.63 -15.53
N TYR A 99 -24.10 -4.84 -16.59
CA TYR A 99 -23.43 -3.55 -16.62
C TYR A 99 -24.42 -2.68 -15.86
N PRO A 100 -23.92 -1.81 -14.99
CA PRO A 100 -22.50 -1.63 -14.71
C PRO A 100 -22.01 -2.64 -13.67
N PHE A 101 -20.78 -3.11 -13.81
CA PHE A 101 -20.24 -4.06 -12.85
C PHE A 101 -20.03 -3.31 -11.54
N THR A 102 -20.37 -3.96 -10.42
CA THR A 102 -20.25 -3.36 -9.10
C THR A 102 -19.51 -4.25 -8.10
N PHE A 103 -18.77 -3.62 -7.20
CA PHE A 103 -18.01 -4.34 -6.21
C PHE A 103 -18.59 -4.13 -4.83
N GLY A 104 -18.39 -5.13 -3.97
CA GLY A 104 -18.82 -5.03 -2.58
C GLY A 104 -17.76 -4.18 -1.88
N SER A 105 -18.08 -3.72 -0.66
CA SER A 105 -17.19 -2.86 0.11
C SER A 105 -15.84 -3.45 0.54
N GLY A 106 -15.72 -4.77 0.58
CA GLY A 106 -14.46 -5.36 0.96
C GLY A 106 -14.42 -5.68 2.44
N THR A 107 -13.75 -6.77 2.82
CA THR A 107 -13.65 -7.17 4.21
C THR A 107 -12.18 -7.49 4.44
N LYS A 108 -11.57 -6.82 5.43
CA LYS A 108 -10.17 -7.01 5.74
C LYS A 108 -9.96 -8.16 6.68
N LEU A 109 -9.04 -9.06 6.32
CA LEU A 109 -8.76 -10.19 7.20
C LEU A 109 -7.67 -9.81 8.21
N GLU A 110 -8.02 -9.90 9.49
CA GLU A 110 -7.11 -9.55 10.59
C GLU A 110 -6.79 -10.79 11.42
N LEU A 111 -5.51 -11.06 11.61
CA LEU A 111 -5.04 -12.20 12.39
C LEU A 111 -4.89 -11.86 13.86
N LYS A 112 -5.45 -12.72 14.73
CA LYS A 112 -5.33 -12.51 16.17
C LYS A 112 -4.10 -13.34 16.55
N ARG A 113 -3.02 -12.71 16.99
CA ARG A 113 -1.83 -13.48 17.38
C ARG A 113 -1.39 -13.21 18.81
N ALA A 114 -0.29 -13.82 19.22
CA ALA A 114 0.26 -13.63 20.55
C ALA A 114 0.89 -12.25 20.62
N ASP A 115 0.85 -11.63 21.79
CA ASP A 115 1.45 -10.32 21.98
C ASP A 115 2.95 -10.37 21.64
N ALA A 116 3.53 -9.23 21.29
CA ALA A 116 4.96 -9.17 20.97
C ALA A 116 5.44 -7.79 21.30
N ALA A 117 6.59 -7.71 21.94
CA ALA A 117 7.17 -6.42 22.31
C ALA A 117 7.85 -5.82 21.10
N PRO A 118 7.88 -4.49 21.03
CA PRO A 118 8.52 -3.87 19.88
C PRO A 118 10.04 -3.92 19.95
N THR A 119 10.69 -4.03 18.79
CA THR A 119 12.15 -4.02 18.67
C THR A 119 12.43 -2.59 18.16
N VAL A 120 12.94 -1.76 19.06
CA VAL A 120 13.23 -0.35 18.76
C VAL A 120 14.63 -0.06 18.24
N SER A 121 14.73 0.75 17.18
CA SER A 121 16.01 1.14 16.59
C SER A 121 15.97 2.63 16.32
N ILE A 122 17.06 3.33 16.64
CA ILE A 122 17.14 4.76 16.44
C ILE A 122 18.28 5.07 15.48
N PHE A 123 18.02 6.00 14.57
CA PHE A 123 19.02 6.41 13.57
C PHE A 123 19.26 7.91 13.55
N PRO A 124 20.52 8.32 13.65
CA PRO A 124 20.79 9.76 13.60
C PRO A 124 20.63 10.24 12.15
N PRO A 125 20.59 11.55 11.93
CA PRO A 125 20.44 12.07 10.58
C PRO A 125 21.61 11.59 9.75
N SER A 126 21.43 11.46 8.43
CA SER A 126 22.53 11.05 7.56
C SER A 126 23.35 12.30 7.26
N SER A 127 24.62 12.13 6.90
CA SER A 127 25.45 13.29 6.59
C SER A 127 24.91 13.99 5.34
N GLU A 128 24.23 13.25 4.47
CA GLU A 128 23.70 13.85 3.27
C GLU A 128 22.58 14.84 3.59
N GLN A 129 21.76 14.50 4.58
CA GLN A 129 20.66 15.40 4.93
C GLN A 129 21.18 16.66 5.63
N LEU A 130 22.16 16.48 6.50
CA LEU A 130 22.76 17.59 7.23
C LEU A 130 23.33 18.62 6.24
N THR A 131 24.02 18.17 5.21
CA THR A 131 24.57 19.08 4.23
C THR A 131 23.46 19.88 3.51
N SER A 132 22.22 19.45 3.65
CA SER A 132 21.11 20.17 3.02
C SER A 132 20.39 21.00 4.06
N GLY A 133 20.91 21.00 5.29
CA GLY A 133 20.32 21.78 6.36
C GLY A 133 19.23 21.14 7.22
N GLY A 134 18.86 19.90 6.95
CA GLY A 134 17.83 19.27 7.75
C GLY A 134 18.43 18.18 8.60
N ALA A 135 17.75 17.83 9.68
CA ALA A 135 18.22 16.78 10.56
C ALA A 135 17.04 15.95 11.01
N SER A 136 16.90 14.78 10.42
CA SER A 136 15.81 13.90 10.79
C SER A 136 16.33 12.75 11.63
N VAL A 137 15.70 12.53 12.78
CA VAL A 137 16.08 11.44 13.67
C VAL A 137 14.93 10.45 13.53
N VAL A 138 15.28 9.21 13.19
CA VAL A 138 14.30 8.15 12.91
C VAL A 138 14.31 6.96 13.84
N CYS A 139 13.12 6.56 14.30
CA CYS A 139 13.00 5.40 15.17
C CYS A 139 12.03 4.38 14.62
N PHE A 140 12.46 3.12 14.62
CA PHE A 140 11.61 2.05 14.15
C PHE A 140 11.20 1.21 15.36
N LEU A 141 9.90 0.97 15.48
CA LEU A 141 9.36 0.11 16.53
C LEU A 141 8.74 -1.01 15.68
N ASN A 142 9.55 -2.05 15.45
CA ASN A 142 9.16 -3.16 14.59
C ASN A 142 8.67 -4.45 15.21
N ASN A 143 7.72 -5.06 14.49
CA ASN A 143 7.17 -6.34 14.86
C ASN A 143 6.55 -6.45 16.22
N PHE A 144 5.57 -5.63 16.51
CA PHE A 144 4.93 -5.70 17.80
C PHE A 144 3.45 -6.08 17.63
N TYR A 145 2.77 -6.34 18.73
CA TYR A 145 1.36 -6.71 18.73
C TYR A 145 0.86 -6.69 20.18
N PRO A 146 -0.33 -6.09 20.42
CA PRO A 146 -1.21 -5.45 19.44
C PRO A 146 -0.70 -4.21 18.72
N LYS A 147 -1.55 -3.69 17.83
CA LYS A 147 -1.24 -2.53 17.01
C LYS A 147 -1.01 -1.22 17.75
N ASP A 148 -1.86 -0.93 18.74
CA ASP A 148 -1.73 0.32 19.50
C ASP A 148 -0.35 0.41 20.18
N ILE A 149 0.30 1.56 20.02
CA ILE A 149 1.60 1.81 20.60
C ILE A 149 1.83 3.31 20.69
N ASN A 150 2.72 3.73 21.58
CA ASN A 150 3.02 5.14 21.76
C ASN A 150 4.53 5.39 21.70
N VAL A 151 4.92 6.53 21.13
CA VAL A 151 6.33 6.90 21.02
C VAL A 151 6.54 8.26 21.66
N LYS A 152 7.71 8.49 22.22
CA LYS A 152 7.99 9.78 22.84
C LYS A 152 9.40 10.22 22.55
N TRP A 153 9.53 11.42 21.98
CA TRP A 153 10.86 11.95 21.71
C TRP A 153 11.31 12.89 22.80
N LYS A 154 12.61 12.86 23.09
CA LYS A 154 13.19 13.73 24.08
C LYS A 154 14.52 14.20 23.52
N ILE A 155 14.85 15.46 23.79
CA ILE A 155 16.10 16.05 23.35
C ILE A 155 16.73 16.66 24.62
N ASP A 156 17.92 16.17 24.96
CA ASP A 156 18.60 16.64 26.15
C ASP A 156 17.65 16.60 27.36
N GLY A 157 16.74 15.63 27.35
CA GLY A 157 15.81 15.50 28.46
C GLY A 157 14.42 16.08 28.29
N SER A 158 14.25 17.03 27.39
CA SER A 158 12.95 17.64 27.19
C SER A 158 12.13 16.99 26.10
N GLU A 159 10.88 16.68 26.41
CA GLU A 159 10.00 16.06 25.42
C GLU A 159 9.77 17.04 24.30
N ARG A 160 9.89 16.53 23.09
CA ARG A 160 9.69 17.33 21.89
C ARG A 160 8.53 16.70 21.14
N GLN A 161 7.50 17.50 20.86
CA GLN A 161 6.33 17.02 20.15
C GLN A 161 6.22 17.53 18.71
N ASN A 162 6.80 18.70 18.44
CA ASN A 162 6.73 19.27 17.09
C ASN A 162 7.79 18.66 16.16
N GLY A 163 7.43 18.57 14.87
CA GLY A 163 8.34 18.02 13.88
C GLY A 163 8.38 16.50 13.92
N VAL A 164 7.34 15.93 14.53
CA VAL A 164 7.22 14.50 14.65
C VAL A 164 6.12 13.97 13.76
N LEU A 165 6.47 12.97 12.94
CA LEU A 165 5.52 12.34 12.06
C LEU A 165 5.67 10.83 12.17
N ASN A 166 4.56 10.15 12.41
CA ASN A 166 4.56 8.70 12.59
C ASN A 166 3.77 8.06 11.48
N SER A 167 4.03 6.76 11.29
CA SER A 167 3.36 6.00 10.26
C SER A 167 3.38 4.52 10.65
N TRP A 168 2.21 3.89 10.55
CA TRP A 168 2.04 2.48 10.87
C TRP A 168 1.94 1.68 9.58
N THR A 169 2.54 0.49 9.59
CA THR A 169 2.45 -0.39 8.45
C THR A 169 1.11 -1.18 8.61
N ASP A 170 0.75 -1.92 7.58
CA ASP A 170 -0.45 -2.72 7.66
C ASP A 170 -0.02 -4.00 8.39
N GLN A 171 -0.93 -4.93 8.65
CA GLN A 171 -0.55 -6.14 9.36
C GLN A 171 0.45 -6.96 8.52
N ASP A 172 1.59 -7.28 9.12
CA ASP A 172 2.65 -8.03 8.43
C ASP A 172 2.19 -9.39 7.94
N SER A 173 2.48 -9.67 6.67
CA SER A 173 2.10 -10.94 6.04
C SER A 173 3.02 -12.08 6.40
N LYS A 174 4.09 -11.79 7.13
CA LYS A 174 5.04 -12.83 7.50
C LYS A 174 4.80 -13.36 8.89
N ASP A 175 4.80 -12.47 9.88
CA ASP A 175 4.60 -12.90 11.27
C ASP A 175 3.33 -12.32 11.92
N SER A 176 2.50 -11.68 11.10
CA SER A 176 1.26 -11.09 11.58
C SER A 176 1.41 -10.00 12.64
N THR A 177 2.57 -9.35 12.69
CA THR A 177 2.76 -8.28 13.65
C THR A 177 2.52 -6.94 12.95
N TYR A 178 2.71 -5.86 13.70
CA TYR A 178 2.55 -4.51 13.18
C TYR A 178 3.88 -3.79 13.46
N SER A 179 4.11 -2.68 12.78
CA SER A 179 5.29 -1.88 13.00
C SER A 179 4.92 -0.44 12.82
N MET A 180 5.74 0.44 13.41
CA MET A 180 5.51 1.86 13.29
C MET A 180 6.84 2.59 13.13
N SER A 181 6.82 3.67 12.37
CA SER A 181 8.02 4.45 12.14
C SER A 181 7.78 5.87 12.67
N SER A 182 8.76 6.40 13.40
CA SER A 182 8.64 7.74 13.97
C SER A 182 9.82 8.60 13.55
N THR A 183 9.54 9.73 12.92
CA THR A 183 10.61 10.63 12.49
C THR A 183 10.53 12.03 13.07
N LEU A 184 11.62 12.44 13.72
CA LEU A 184 11.74 13.76 14.33
C LEU A 184 12.59 14.61 13.41
N THR A 185 12.02 15.67 12.85
CA THR A 185 12.78 16.54 11.97
C THR A 185 13.11 17.93 12.53
N LEU A 186 14.36 18.32 12.38
CA LEU A 186 14.85 19.60 12.86
C LEU A 186 15.70 20.19 11.75
N THR A 187 16.28 21.36 12.00
CA THR A 187 17.18 21.97 11.05
C THR A 187 18.52 21.56 11.63
N LYS A 188 19.56 21.62 10.80
CA LYS A 188 20.89 21.27 11.28
C LYS A 188 21.26 22.23 12.40
N ASP A 189 20.93 23.51 12.18
CA ASP A 189 21.24 24.54 13.17
C ASP A 189 20.86 24.09 14.57
N GLU A 190 19.59 23.72 14.75
CA GLU A 190 19.12 23.29 16.06
C GLU A 190 19.58 21.90 16.44
N TYR A 191 19.69 21.02 15.46
CA TYR A 191 20.15 19.66 15.72
C TYR A 191 21.58 19.72 16.29
N GLU A 192 22.38 20.66 15.81
CA GLU A 192 23.76 20.78 16.28
C GLU A 192 23.87 21.50 17.61
N ARG A 193 22.74 21.91 18.18
CA ARG A 193 22.79 22.62 19.46
C ARG A 193 22.24 21.81 20.63
N HIS A 194 22.00 20.52 20.40
CA HIS A 194 21.51 19.63 21.43
C HIS A 194 22.31 18.35 21.28
N ASN A 195 22.55 17.64 22.38
CA ASN A 195 23.34 16.41 22.30
C ASN A 195 22.59 15.09 22.31
N SER A 196 21.74 14.88 23.30
CA SER A 196 21.05 13.61 23.38
C SER A 196 19.67 13.54 22.76
N TYR A 197 19.49 12.51 21.96
CA TYR A 197 18.25 12.28 21.26
C TYR A 197 17.71 10.94 21.70
N THR A 198 16.44 10.96 22.11
CA THR A 198 15.81 9.75 22.63
C THR A 198 14.40 9.49 22.17
N CYS A 199 14.11 8.24 21.81
CA CYS A 199 12.74 7.92 21.46
C CYS A 199 12.34 6.82 22.45
N GLU A 200 11.07 6.85 22.86
CA GLU A 200 10.58 5.88 23.83
C GLU A 200 9.30 5.20 23.36
N ALA A 201 9.37 3.88 23.28
CA ALA A 201 8.22 3.08 22.87
C ALA A 201 7.50 2.60 24.12
N THR A 202 6.18 2.81 24.15
CA THR A 202 5.35 2.36 25.25
C THR A 202 4.25 1.48 24.65
N HIS A 203 4.39 0.19 24.89
CA HIS A 203 3.45 -0.78 24.36
C HIS A 203 2.84 -1.58 25.52
N LYS A 204 1.70 -2.19 25.25
CA LYS A 204 1.00 -3.01 26.22
C LYS A 204 1.89 -4.12 26.82
N THR A 205 2.75 -4.72 26.00
CA THR A 205 3.62 -5.80 26.47
C THR A 205 4.54 -5.46 27.62
N SER A 206 4.53 -4.21 28.08
CA SER A 206 5.41 -3.81 29.18
C SER A 206 5.01 -2.51 29.85
N THR A 207 5.37 -2.36 31.13
CA THR A 207 5.07 -1.16 31.90
C THR A 207 6.02 -0.04 31.53
N SER A 208 7.32 -0.29 31.70
CA SER A 208 8.36 0.68 31.37
C SER A 208 8.64 0.64 29.86
N PRO A 209 8.69 1.82 29.24
CA PRO A 209 8.95 1.96 27.80
C PRO A 209 10.31 1.53 27.33
N ILE A 210 10.37 1.06 26.08
CA ILE A 210 11.63 0.63 25.49
C ILE A 210 12.22 1.96 25.03
N VAL A 211 13.45 2.22 25.42
CA VAL A 211 14.05 3.49 25.06
C VAL A 211 15.36 3.27 24.33
N LYS A 212 15.60 4.15 23.36
CA LYS A 212 16.83 4.12 22.59
C LYS A 212 17.24 5.57 22.47
N SER A 213 18.54 5.82 22.52
CA SER A 213 19.03 7.17 22.43
C SER A 213 20.48 7.17 21.95
N PHE A 214 20.96 8.32 21.51
CA PHE A 214 22.37 8.42 21.09
C PHE A 214 22.89 9.82 21.37
N ASN A 215 24.19 9.97 21.39
CA ASN A 215 24.73 11.28 21.63
C ASN A 215 25.52 11.73 20.41
N ARG A 216 25.12 12.87 19.87
CA ARG A 216 25.80 13.41 18.71
C ARG A 216 27.31 13.43 18.92
N ASN A 217 27.75 13.64 20.16
CA ASN A 217 29.19 13.66 20.42
C ASN A 217 29.82 12.26 20.49
N GLU A 218 29.17 11.34 21.19
CA GLU A 218 29.68 9.97 21.31
C GLU A 218 29.89 9.31 19.95
N LEU B 4 0.06 -5.80 -19.42
CA LEU B 4 -0.53 -4.45 -19.62
C LEU B 4 0.32 -3.36 -18.95
N GLN B 5 0.95 -2.52 -19.77
CA GLN B 5 1.80 -1.44 -19.29
C GLN B 5 0.99 -0.16 -19.07
N GLN B 6 1.08 0.38 -17.86
CA GLN B 6 0.38 1.60 -17.48
C GLN B 6 1.33 2.54 -16.77
N PRO B 7 1.27 3.83 -17.10
CA PRO B 7 2.18 4.73 -16.39
C PRO B 7 1.90 4.67 -14.90
N GLY B 8 2.96 4.77 -14.12
CA GLY B 8 2.84 4.72 -12.68
C GLY B 8 2.13 5.89 -12.06
N ALA B 9 2.22 7.06 -12.66
CA ALA B 9 1.59 8.21 -12.07
C ALA B 9 1.36 9.34 -13.04
N GLU B 10 0.36 10.15 -12.73
CA GLU B 10 0.04 11.33 -13.54
C GLU B 10 -0.38 12.46 -12.61
N LEU B 11 0.37 13.55 -12.63
CA LEU B 11 0.06 14.73 -11.82
C LEU B 11 -0.67 15.66 -12.77
N VAL B 12 -1.94 15.96 -12.48
CA VAL B 12 -2.70 16.87 -13.33
C VAL B 12 -3.22 18.07 -12.54
N LYS B 13 -3.12 19.25 -13.15
CA LYS B 13 -3.58 20.47 -12.51
C LYS B 13 -5.10 20.40 -12.45
N PRO B 14 -5.71 20.92 -11.36
CA PRO B 14 -7.17 20.88 -11.26
C PRO B 14 -7.84 21.63 -12.39
N GLY B 15 -8.86 21.01 -12.98
CA GLY B 15 -9.59 21.62 -14.08
C GLY B 15 -9.06 21.17 -15.43
N ALA B 16 -7.88 20.57 -15.40
CA ALA B 16 -7.23 20.07 -16.60
C ALA B 16 -7.77 18.68 -16.96
N SER B 17 -7.41 18.20 -18.14
CA SER B 17 -7.85 16.89 -18.56
C SER B 17 -6.61 16.00 -18.65
N VAL B 18 -6.79 14.71 -18.85
CA VAL B 18 -5.64 13.83 -18.93
C VAL B 18 -6.10 12.53 -19.61
N LYS B 19 -5.24 11.95 -20.44
CA LYS B 19 -5.57 10.72 -21.15
C LYS B 19 -4.69 9.56 -20.67
N LEU B 20 -5.29 8.61 -19.98
CA LEU B 20 -4.50 7.49 -19.47
C LEU B 20 -4.31 6.40 -20.53
N SER B 21 -3.12 5.83 -20.56
CA SER B 21 -2.78 4.80 -21.54
C SER B 21 -2.70 3.37 -21.00
N CYS B 22 -2.96 2.40 -21.87
CA CYS B 22 -2.92 0.98 -21.53
C CYS B 22 -2.70 0.16 -22.80
N SER B 31 -8.94 -9.63 -29.20
CA SER B 31 -10.34 -9.94 -28.92
C SER B 31 -10.57 -10.10 -27.42
N SER B 32 -10.53 -8.97 -26.73
CA SER B 32 -10.72 -8.94 -25.28
C SER B 32 -11.42 -7.64 -24.94
N TRP B 33 -11.85 -7.51 -23.70
CA TRP B 33 -12.49 -6.28 -23.26
C TRP B 33 -11.50 -5.58 -22.34
N ILE B 34 -11.20 -4.31 -22.60
CA ILE B 34 -10.31 -3.59 -21.70
C ILE B 34 -11.22 -2.78 -20.79
N ASN B 35 -11.15 -3.05 -19.50
CA ASN B 35 -11.99 -2.34 -18.54
C ASN B 35 -11.15 -1.36 -17.75
N TRP B 36 -11.79 -0.31 -17.24
CA TRP B 36 -11.07 0.65 -16.41
C TRP B 36 -11.76 0.67 -15.05
N VAL B 37 -10.95 0.68 -14.01
CA VAL B 37 -11.43 0.65 -12.64
C VAL B 37 -10.78 1.76 -11.83
N LYS B 38 -11.57 2.44 -11.01
CA LYS B 38 -11.07 3.52 -10.18
C LYS B 38 -10.96 3.09 -8.72
N GLN B 39 -10.00 3.66 -8.01
CA GLN B 39 -9.83 3.37 -6.58
C GLN B 39 -9.05 4.45 -5.83
N ARG B 40 -9.72 5.05 -4.86
CA ARG B 40 -9.11 6.06 -4.01
C ARG B 40 -8.28 5.34 -2.96
N PRO B 41 -7.07 5.86 -2.68
CA PRO B 41 -6.17 5.27 -1.69
C PRO B 41 -6.88 4.86 -0.42
N GLY B 42 -6.80 3.57 -0.10
CA GLY B 42 -7.43 3.05 1.09
C GLY B 42 -8.92 2.85 0.94
N GLN B 43 -9.43 3.00 -0.28
CA GLN B 43 -10.86 2.86 -0.52
C GLN B 43 -11.25 1.67 -1.37
N GLY B 44 -12.51 1.68 -1.80
CA GLY B 44 -13.06 0.60 -2.61
C GLY B 44 -12.79 0.70 -4.10
N LEU B 45 -13.44 -0.19 -4.85
CA LEU B 45 -13.26 -0.27 -6.29
C LEU B 45 -14.53 0.10 -7.05
N GLU B 46 -14.37 0.92 -8.09
CA GLU B 46 -15.50 1.31 -8.91
C GLU B 46 -15.21 0.96 -10.35
N TRP B 47 -16.20 0.43 -11.05
CA TRP B 47 -16.01 0.11 -12.46
C TRP B 47 -16.43 1.33 -13.25
N ILE B 48 -15.58 1.77 -14.16
CA ILE B 48 -15.84 2.94 -15.01
C ILE B 48 -16.51 2.61 -16.34
N GLY B 49 -15.94 1.65 -17.06
CA GLY B 49 -16.49 1.27 -18.34
C GLY B 49 -15.51 0.38 -19.07
N ASN B 50 -15.81 0.03 -20.31
CA ASN B 50 -14.87 -0.79 -21.03
C ASN B 50 -14.96 -0.61 -22.53
N VAL B 51 -13.98 -1.15 -23.22
CA VAL B 51 -13.93 -1.10 -24.67
C VAL B 51 -13.46 -2.46 -25.20
N TYR B 52 -13.74 -2.69 -26.47
CA TYR B 52 -13.36 -3.95 -27.12
C TYR B 52 -12.57 -3.66 -28.39
N PRO B 53 -11.23 -3.58 -28.27
CA PRO B 53 -10.36 -3.31 -29.42
C PRO B 53 -10.57 -4.37 -30.52
N SER B 57 -17.64 -0.73 -30.21
CA SER B 57 -18.56 -0.80 -29.08
C SER B 57 -17.90 -0.52 -27.74
N THR B 58 -18.51 0.38 -26.97
CA THR B 58 -17.99 0.75 -25.66
C THR B 58 -19.13 0.65 -24.65
N ASN B 59 -18.77 0.51 -23.39
CA ASN B 59 -19.76 0.44 -22.31
C ASN B 59 -19.28 1.37 -21.20
N TYR B 60 -20.12 2.35 -20.86
CA TYR B 60 -19.81 3.30 -19.80
C TYR B 60 -20.66 3.04 -18.57
N ASN B 61 -20.13 3.35 -17.40
CA ASN B 61 -20.89 3.26 -16.17
C ASN B 61 -21.59 4.63 -16.22
N GLU B 62 -22.92 4.66 -16.13
CA GLU B 62 -23.64 5.95 -16.18
C GLU B 62 -23.03 7.06 -15.32
N LYS B 63 -22.55 6.72 -14.12
CA LYS B 63 -21.94 7.73 -13.24
C LYS B 63 -20.71 8.38 -13.85
N PHE B 64 -20.03 7.67 -14.73
CA PHE B 64 -18.81 8.20 -15.33
C PHE B 64 -18.94 8.71 -16.76
N LYS B 65 -20.15 8.72 -17.31
CA LYS B 65 -20.37 9.21 -18.67
C LYS B 65 -19.75 10.59 -18.77
N ASN B 66 -19.16 10.92 -19.92
CA ASN B 66 -18.53 12.23 -20.09
C ASN B 66 -17.25 12.43 -19.27
N LYS B 67 -17.31 12.29 -17.94
CA LYS B 67 -16.09 12.47 -17.13
C LYS B 67 -14.98 11.68 -17.78
N ALA B 68 -15.35 10.49 -18.27
CA ALA B 68 -14.43 9.57 -18.93
C ALA B 68 -14.79 9.38 -20.40
N THR B 69 -13.77 9.19 -21.24
CA THR B 69 -13.96 8.92 -22.66
C THR B 69 -13.00 7.79 -23.04
N LEU B 70 -13.58 6.66 -23.45
CA LEU B 70 -12.82 5.48 -23.78
C LEU B 70 -12.54 5.29 -25.28
N THR B 71 -11.26 5.13 -25.62
CA THR B 71 -10.86 4.93 -27.01
C THR B 71 -9.76 3.88 -27.11
N VAL B 72 -9.45 3.48 -28.34
CA VAL B 72 -8.41 2.48 -28.56
C VAL B 72 -7.66 2.73 -29.86
N ASP B 73 -6.35 2.58 -29.82
CA ASP B 73 -5.55 2.77 -31.01
C ASP B 73 -5.02 1.39 -31.44
N THR B 74 -5.71 0.75 -32.38
CA THR B 74 -5.31 -0.56 -32.87
C THR B 74 -3.88 -0.54 -33.38
N SER B 75 -3.51 0.56 -34.05
CA SER B 75 -2.17 0.72 -34.59
C SER B 75 -1.11 0.33 -33.56
N SER B 76 -1.04 1.08 -32.46
CA SER B 76 -0.09 0.83 -31.39
C SER B 76 -0.68 -0.10 -30.33
N SER B 77 -1.91 -0.52 -30.57
CA SER B 77 -2.62 -1.41 -29.66
C SER B 77 -2.49 -0.91 -28.22
N THR B 78 -3.21 0.16 -27.95
CA THR B 78 -3.23 0.73 -26.62
C THR B 78 -4.60 1.33 -26.42
N ALA B 79 -5.19 1.04 -25.26
CA ALA B 79 -6.50 1.56 -24.92
C ALA B 79 -6.23 2.85 -24.16
N TYR B 80 -7.17 3.79 -24.27
CA TYR B 80 -7.04 5.07 -23.60
C TYR B 80 -8.32 5.47 -22.90
N MET B 81 -8.16 6.17 -21.78
CA MET B 81 -9.28 6.69 -21.05
C MET B 81 -8.95 8.14 -20.79
N GLN B 82 -9.79 9.04 -21.27
CA GLN B 82 -9.55 10.45 -21.04
C GLN B 82 -10.48 10.93 -19.94
N LEU B 83 -9.88 11.51 -18.91
CA LEU B 83 -10.63 12.04 -17.79
C LEU B 83 -10.67 13.54 -18.05
N SER B 84 -11.85 14.14 -17.93
CA SER B 84 -11.97 15.57 -18.21
C SER B 84 -12.19 16.40 -16.97
N SER B 85 -11.70 17.64 -17.01
CA SER B 85 -11.82 18.60 -15.91
C SER B 85 -11.78 17.95 -14.54
N LEU B 86 -10.61 17.44 -14.17
CA LEU B 86 -10.44 16.74 -12.92
C LEU B 86 -10.58 17.58 -11.65
N THR B 87 -11.00 16.90 -10.60
CA THR B 87 -11.20 17.48 -9.27
C THR B 87 -10.55 16.51 -8.30
N SER B 88 -10.52 16.88 -7.02
CA SER B 88 -9.95 16.04 -5.98
C SER B 88 -10.63 14.66 -6.00
N ASP B 89 -11.95 14.66 -6.19
CA ASP B 89 -12.75 13.42 -6.25
C ASP B 89 -12.17 12.48 -7.29
N ASP B 90 -11.46 13.05 -8.27
CA ASP B 90 -10.86 12.26 -9.34
C ASP B 90 -9.49 11.68 -8.99
N SER B 91 -8.84 12.20 -7.96
CA SER B 91 -7.56 11.63 -7.56
C SER B 91 -7.82 10.18 -7.11
N ALA B 92 -7.18 9.23 -7.79
CA ALA B 92 -7.31 7.81 -7.47
C ALA B 92 -6.46 6.95 -8.41
N PHE B 93 -6.32 5.68 -8.07
CA PHE B 93 -5.59 4.78 -8.92
C PHE B 93 -6.60 4.40 -9.95
N TYR B 94 -6.13 4.29 -11.17
CA TYR B 94 -6.95 3.86 -12.28
C TYR B 94 -6.23 2.66 -12.87
N TYR B 95 -6.91 1.52 -12.95
CA TYR B 95 -6.30 0.31 -13.53
C TYR B 95 -7.04 -0.05 -14.79
N CYS B 96 -6.36 -0.65 -15.75
CA CYS B 96 -7.04 -1.13 -16.94
C CYS B 96 -6.92 -2.63 -16.76
N VAL B 97 -7.99 -3.36 -16.99
CA VAL B 97 -7.92 -4.80 -16.83
C VAL B 97 -8.56 -5.48 -18.03
N ARG B 98 -7.77 -6.37 -18.63
CA ARG B 98 -8.17 -7.13 -19.82
C ARG B 98 -8.95 -8.37 -19.41
N LYS B 99 -10.16 -8.52 -19.94
CA LYS B 99 -10.99 -9.68 -19.67
C LYS B 99 -10.98 -10.49 -20.95
N ASP B 100 -10.58 -11.76 -20.85
CA ASP B 100 -10.52 -12.68 -21.99
C ASP B 100 -11.92 -13.16 -22.32
N PHE B 104 -10.03 -15.37 -16.19
CA PHE B 104 -8.90 -14.73 -15.53
C PHE B 104 -8.61 -13.33 -16.08
N PRO B 105 -9.18 -12.29 -15.44
CA PRO B 105 -8.94 -10.91 -15.89
C PRO B 105 -7.53 -10.50 -15.51
N TYR B 106 -6.84 -9.79 -16.40
CA TYR B 106 -5.48 -9.37 -16.09
C TYR B 106 -5.43 -7.90 -15.68
N TRP B 107 -5.28 -7.65 -14.38
CA TRP B 107 -5.21 -6.29 -13.90
C TRP B 107 -3.89 -5.63 -14.25
N GLY B 108 -3.95 -4.34 -14.54
CA GLY B 108 -2.74 -3.61 -14.86
C GLY B 108 -2.11 -3.13 -13.56
N GLN B 109 -0.91 -2.58 -13.65
CA GLN B 109 -0.21 -2.08 -12.48
C GLN B 109 -0.96 -0.86 -11.95
N GLY B 110 -1.63 -0.16 -12.87
CA GLY B 110 -2.40 1.01 -12.49
C GLY B 110 -1.64 2.31 -12.47
N THR B 111 -2.37 3.39 -12.71
CA THR B 111 -1.84 4.74 -12.74
C THR B 111 -2.48 5.53 -11.60
N LEU B 112 -1.66 6.07 -10.70
CA LEU B 112 -2.19 6.87 -9.59
C LEU B 112 -2.30 8.35 -10.02
N VAL B 113 -3.51 8.80 -10.30
CA VAL B 113 -3.68 10.18 -10.71
C VAL B 113 -3.85 11.11 -9.51
N THR B 114 -3.00 12.12 -9.43
CA THR B 114 -3.06 13.09 -8.35
C THR B 114 -3.44 14.44 -8.96
N VAL B 115 -4.59 14.95 -8.54
CA VAL B 115 -5.07 16.25 -8.99
C VAL B 115 -4.61 17.24 -7.94
N SER B 116 -3.73 18.15 -8.36
CA SER B 116 -3.19 19.15 -7.48
C SER B 116 -2.47 20.23 -8.26
N ALA B 117 -2.30 21.39 -7.64
CA ALA B 117 -1.61 22.48 -8.30
C ALA B 117 -0.14 22.46 -7.91
N ALA B 118 0.22 21.56 -7.00
CA ALA B 118 1.61 21.48 -6.56
C ALA B 118 2.48 20.94 -7.69
N LYS B 119 3.78 21.16 -7.63
CA LYS B 119 4.64 20.68 -8.70
C LYS B 119 5.30 19.39 -8.30
N THR B 120 5.64 18.58 -9.30
CA THR B 120 6.29 17.29 -9.05
C THR B 120 7.70 17.50 -8.50
N THR B 121 7.99 16.85 -7.37
CA THR B 121 9.30 16.98 -6.74
C THR B 121 9.90 15.62 -6.36
N ALA B 122 10.96 15.23 -7.06
CA ALA B 122 11.66 13.98 -6.80
C ALA B 122 12.11 13.95 -5.34
N PRO B 123 12.21 12.75 -4.77
CA PRO B 123 12.60 12.54 -3.37
C PRO B 123 14.07 12.54 -3.07
N SER B 124 14.39 12.79 -1.81
CA SER B 124 15.75 12.76 -1.33
C SER B 124 15.80 11.40 -0.64
N VAL B 125 16.79 10.58 -0.98
CA VAL B 125 16.88 9.27 -0.38
C VAL B 125 18.09 9.17 0.53
N TYR B 126 17.83 9.08 1.84
CA TYR B 126 18.90 9.00 2.79
C TYR B 126 19.03 7.61 3.39
N PRO B 127 20.26 7.08 3.45
CA PRO B 127 20.51 5.76 4.02
C PRO B 127 20.51 5.87 5.53
N LEU B 128 20.04 4.83 6.21
CA LEU B 128 20.04 4.81 7.66
C LEU B 128 20.76 3.55 8.13
N ALA B 129 21.94 3.73 8.74
CA ALA B 129 22.75 2.63 9.25
C ALA B 129 22.78 2.70 10.79
N PRO B 130 22.96 1.55 11.47
CA PRO B 130 23.01 1.47 12.94
C PRO B 130 23.82 2.59 13.58
N SER B 138 21.68 -10.74 17.37
CA SER B 138 21.83 -11.75 16.31
C SER B 138 21.33 -11.27 14.93
N SER B 139 20.64 -10.14 14.91
CA SER B 139 20.15 -9.55 13.67
C SER B 139 20.52 -8.08 13.70
N VAL B 140 20.48 -7.43 12.53
CA VAL B 140 20.79 -6.00 12.47
C VAL B 140 19.72 -5.33 11.59
N THR B 141 19.32 -4.10 11.95
CA THR B 141 18.31 -3.40 11.17
C THR B 141 18.80 -2.14 10.46
N LEU B 142 18.73 -2.16 9.13
CA LEU B 142 19.13 -1.03 8.31
C LEU B 142 17.87 -0.38 7.83
N GLY B 143 17.94 0.90 7.50
CA GLY B 143 16.74 1.58 7.06
C GLY B 143 16.96 2.51 5.88
N CYS B 144 15.88 3.10 5.41
CA CYS B 144 15.97 4.00 4.29
C CYS B 144 14.90 5.10 4.41
N LEU B 145 15.38 6.35 4.42
CA LEU B 145 14.48 7.49 4.54
C LEU B 145 14.29 8.19 3.21
N VAL B 146 13.01 8.34 2.81
CA VAL B 146 12.65 8.98 1.54
C VAL B 146 11.86 10.26 1.80
N LYS B 147 12.57 11.37 1.75
CA LYS B 147 11.97 12.66 2.07
C LYS B 147 11.69 13.68 0.95
N GLY B 148 10.64 14.46 1.18
CA GLY B 148 10.25 15.54 0.29
C GLY B 148 9.86 15.26 -1.14
N TYR B 149 9.03 14.26 -1.37
CA TYR B 149 8.65 14.00 -2.75
C TYR B 149 7.17 14.32 -2.96
N PHE B 150 6.82 14.58 -4.22
CA PHE B 150 5.44 14.86 -4.60
C PHE B 150 5.31 14.70 -6.11
N PRO B 151 4.26 14.00 -6.57
CA PRO B 151 3.22 13.37 -5.77
C PRO B 151 3.57 11.90 -5.50
N GLU B 152 2.61 11.15 -4.94
CA GLU B 152 2.81 9.72 -4.70
C GLU B 152 2.75 9.11 -6.11
N PRO B 153 3.14 7.84 -6.25
CA PRO B 153 3.62 6.99 -5.16
C PRO B 153 5.09 6.75 -5.40
N VAL B 154 5.73 5.96 -4.53
CA VAL B 154 7.11 5.61 -4.76
C VAL B 154 7.14 4.11 -4.54
N THR B 155 7.97 3.43 -5.29
CA THR B 155 8.12 2.00 -5.14
C THR B 155 9.49 1.75 -4.54
N LEU B 156 9.50 1.35 -3.27
CA LEU B 156 10.76 1.05 -2.61
C LEU B 156 10.99 -0.45 -2.53
N THR B 157 12.24 -0.86 -2.68
CA THR B 157 12.63 -2.27 -2.59
C THR B 157 14.00 -2.28 -1.94
N TRP B 158 14.50 -3.48 -1.69
CA TRP B 158 15.81 -3.71 -1.10
C TRP B 158 16.50 -4.71 -2.03
N ASN B 159 17.74 -4.44 -2.41
CA ASN B 159 18.48 -5.29 -3.34
C ASN B 159 17.62 -5.65 -4.54
N SER B 160 16.89 -4.66 -5.05
CA SER B 160 16.02 -4.83 -6.21
C SER B 160 15.02 -5.97 -6.05
N GLY B 161 14.58 -6.20 -4.82
CA GLY B 161 13.61 -7.26 -4.58
C GLY B 161 14.12 -8.56 -3.95
N SER B 162 15.43 -8.74 -3.94
CA SER B 162 16.04 -9.94 -3.37
C SER B 162 15.65 -10.14 -1.90
N LEU B 163 15.50 -9.04 -1.18
CA LEU B 163 15.15 -9.09 0.24
C LEU B 163 13.72 -8.64 0.51
N SER B 164 12.93 -9.51 1.12
CA SER B 164 11.54 -9.20 1.43
C SER B 164 11.14 -9.66 2.83
N SER B 165 11.70 -10.78 3.26
CA SER B 165 11.40 -11.33 4.59
C SER B 165 11.48 -10.33 5.76
N GLY B 166 12.66 -9.73 5.95
CA GLY B 166 12.81 -8.79 7.05
C GLY B 166 12.45 -7.34 6.70
N VAL B 167 11.53 -7.14 5.76
CA VAL B 167 11.16 -5.79 5.33
C VAL B 167 9.90 -5.16 5.92
N HIS B 168 10.01 -3.87 6.26
CA HIS B 168 8.90 -3.09 6.81
C HIS B 168 8.91 -1.77 6.03
N THR B 169 7.87 -1.52 5.27
CA THR B 169 7.79 -0.27 4.53
C THR B 169 6.51 0.49 4.92
N PHE B 170 6.74 1.58 5.63
CA PHE B 170 5.72 2.45 6.20
C PHE B 170 5.06 3.41 5.21
N PRO B 171 3.71 3.40 5.15
CA PRO B 171 2.99 4.30 4.24
C PRO B 171 3.44 5.74 4.34
N ALA B 172 3.60 6.39 3.20
CA ALA B 172 4.02 7.77 3.18
C ALA B 172 3.03 8.62 3.96
N VAL B 173 3.50 9.75 4.43
CA VAL B 173 2.69 10.67 5.19
C VAL B 173 2.90 12.04 4.56
N LEU B 174 1.81 12.79 4.38
CA LEU B 174 1.87 14.12 3.80
C LEU B 174 2.06 15.16 4.88
N GLN B 175 2.99 16.08 4.64
CA GLN B 175 3.32 17.13 5.59
C GLN B 175 3.84 18.34 4.85
N SER B 176 3.04 19.40 4.79
CA SER B 176 3.43 20.63 4.11
C SER B 176 3.68 20.41 2.63
N ASP B 177 2.71 19.83 1.93
CA ASP B 177 2.85 19.60 0.49
C ASP B 177 3.89 18.57 0.05
N LEU B 178 4.57 17.95 1.00
CA LEU B 178 5.59 16.98 0.63
C LEU B 178 5.41 15.67 1.37
N TYR B 179 5.55 14.57 0.64
CA TYR B 179 5.43 13.25 1.21
C TYR B 179 6.76 12.77 1.79
N THR B 180 6.70 12.01 2.87
CA THR B 180 7.90 11.44 3.49
C THR B 180 7.63 9.98 3.79
N LEU B 181 8.60 9.12 3.47
CA LEU B 181 8.44 7.69 3.66
C LEU B 181 9.71 6.98 4.11
N SER B 182 9.56 5.96 4.94
CA SER B 182 10.71 5.19 5.42
C SER B 182 10.47 3.70 5.23
N SER B 183 11.55 2.93 5.24
CA SER B 183 11.48 1.48 5.09
C SER B 183 12.65 0.86 5.86
N SER B 184 12.37 -0.23 6.56
CA SER B 184 13.42 -0.89 7.32
C SER B 184 13.59 -2.31 6.85
N VAL B 185 14.81 -2.82 7.01
CA VAL B 185 15.13 -4.16 6.60
C VAL B 185 16.01 -4.80 7.68
N THR B 186 15.63 -5.99 8.12
CA THR B 186 16.36 -6.69 9.17
C THR B 186 16.95 -8.00 8.63
N VAL B 187 18.25 -8.19 8.87
CA VAL B 187 18.93 -9.38 8.40
C VAL B 187 19.88 -9.92 9.46
N THR B 188 20.21 -11.21 9.33
CA THR B 188 21.14 -11.85 10.24
C THR B 188 22.38 -10.94 10.32
N SER B 189 22.60 -10.38 11.50
CA SER B 189 23.68 -9.44 11.72
C SER B 189 25.04 -9.76 11.12
N SER B 190 25.44 -11.03 11.13
CA SER B 190 26.75 -11.38 10.56
C SER B 190 26.82 -11.27 9.04
N THR B 191 25.68 -11.00 8.39
CA THR B 191 25.68 -10.91 6.92
C THR B 191 25.71 -9.48 6.36
N TRP B 192 25.85 -8.49 7.24
CA TRP B 192 25.95 -7.09 6.83
C TRP B 192 27.04 -6.42 7.69
N PRO B 193 27.90 -5.59 7.07
CA PRO B 193 28.00 -5.16 5.67
C PRO B 193 28.62 -6.15 4.69
N SER B 194 29.05 -7.32 5.18
CA SER B 194 29.68 -8.31 4.30
C SER B 194 28.86 -8.68 3.06
N GLN B 195 27.55 -8.80 3.23
CA GLN B 195 26.69 -9.11 2.08
C GLN B 195 25.85 -7.86 1.91
N SER B 196 26.33 -7.01 1.00
CA SER B 196 25.76 -5.71 0.69
C SER B 196 24.25 -5.60 0.55
N ILE B 197 23.72 -4.48 1.04
CA ILE B 197 22.28 -4.21 1.01
C ILE B 197 22.05 -2.83 0.42
N THR B 198 21.09 -2.74 -0.50
CA THR B 198 20.81 -1.48 -1.16
C THR B 198 19.33 -1.13 -1.24
N CYS B 199 19.05 0.13 -0.96
CA CYS B 199 17.71 0.68 -0.99
C CYS B 199 17.46 1.17 -2.42
N ASN B 200 16.32 0.83 -3.01
CA ASN B 200 15.99 1.27 -4.37
C ASN B 200 14.66 2.07 -4.30
N VAL B 201 14.65 3.30 -4.78
CA VAL B 201 13.42 4.10 -4.73
C VAL B 201 13.01 4.63 -6.08
N ALA B 202 11.85 4.17 -6.59
CA ALA B 202 11.35 4.61 -7.89
C ALA B 202 10.29 5.67 -7.65
N HIS B 203 10.34 6.73 -8.44
CA HIS B 203 9.36 7.80 -8.31
C HIS B 203 8.86 8.02 -9.73
N PRO B 204 7.79 7.31 -10.10
CA PRO B 204 7.24 7.45 -11.45
C PRO B 204 6.99 8.88 -11.91
N ALA B 205 6.34 9.69 -11.07
CA ALA B 205 6.02 11.07 -11.46
C ALA B 205 7.22 11.87 -11.98
N SER B 206 8.35 11.75 -11.32
CA SER B 206 9.56 12.46 -11.73
C SER B 206 10.47 11.60 -12.62
N SER B 207 10.05 10.37 -12.91
CA SER B 207 10.81 9.43 -13.73
C SER B 207 12.25 9.24 -13.25
N THR B 208 12.43 9.12 -11.95
CA THR B 208 13.77 8.92 -11.44
C THR B 208 13.75 7.84 -10.39
N LYS B 209 14.78 7.02 -10.41
CA LYS B 209 14.90 5.96 -9.44
C LYS B 209 16.24 6.17 -8.76
N VAL B 210 16.33 5.90 -7.47
CA VAL B 210 17.60 6.07 -6.80
C VAL B 210 17.96 4.89 -5.93
N ASP B 211 19.23 4.49 -6.03
CA ASP B 211 19.72 3.38 -5.24
C ASP B 211 20.72 3.88 -4.24
N LYS B 212 20.53 3.54 -2.97
CA LYS B 212 21.47 3.92 -1.93
C LYS B 212 21.95 2.68 -1.22
N LYS B 213 23.22 2.35 -1.40
CA LYS B 213 23.83 1.20 -0.73
C LYS B 213 24.09 1.68 0.70
N ILE B 214 23.62 0.90 1.67
CA ILE B 214 23.80 1.25 3.08
C ILE B 214 25.22 0.91 3.53
N GLU B 215 25.97 1.91 3.97
CA GLU B 215 27.35 1.71 4.43
C GLU B 215 27.45 1.79 5.97
N PRO B 216 28.44 1.09 6.55
CA PRO B 216 28.60 1.13 8.01
C PRO B 216 28.85 2.58 8.43
N ARG B 217 28.40 2.97 9.63
CA ARG B 217 28.55 4.36 10.11
C ARG B 217 29.92 4.66 10.77
#